data_5IQ6
#
_entry.id   5IQ6
#
_cell.length_a   162.000
_cell.length_b   180.900
_cell.length_c   58.100
_cell.angle_alpha   90.00
_cell.angle_beta   90.00
_cell.angle_gamma   90.00
#
_symmetry.space_group_name_H-M   'C 2 2 21'
#
loop_
_entity.id
_entity.type
_entity.pdbx_description
1 polymer 'RNA dependent RNA polymerase'
2 non-polymer 'ZINC ION'
3 non-polymer N-[8-(cyclohexyloxy)-1-oxo-2-phenyl-1H-pyrido[2,1-b][1,3]benzothiazole-4-carbonyl]-L-tyrosine
4 water water
#
_entity_poly.entity_id   1
_entity_poly.type   'polypeptide(L)'
_entity_poly.pdbx_seq_one_letter_code
;MDVIGERIKRIKEEHNSTWHYDDENPYKTWAYHGSYEVKATGSASSMINGVVKLLTKPWDVVPMVTQMAMTDTTPFGQQR
VFKEKVDTRTPRPLPGTRKVMEITAEWLWRTLGRNKRPRLCTREEFTKKVRTNAAMGAVFTEENQWDSAKAAVEDEEFWK
LVDRERELHKLGKCGSCVYNMMGKREKKLGEFGKAKGSRAIWYMWLGVRYLEFEALGFLNEDHWFSRENSYSGVEGEGLH
KLGYILRDISKIPGGAMYADDTAGWDTRITEDDLHNEEKIIQQMDPEHRQLANAIFKLTYQNKVVKVQRPTPTGTVMDII
SRKDQRGSGQVGTYGLNTFTNMEAQLVRQMEGEGVLTKADLENPHLLEKKITQWLETKGVERLKRMAISGDDCVVKPIDD
RFANALLALNDMGKVRKDIPQWQPSKGWHDWQQVPFCSHHFHELIMKDGRKLVVPCRPQDELIGRARISQGAGWSLRETA
CLGKAYAQMWSLMYFHRRDLRLASNAICSAVPVHWVPTSRTTWSIHAHHQWMTTEDMLTVWNRVWIEENPWMEDKTPVTT
WENVPYLGKREDQWCGSLIGLTSRATWAQNIPTAIQQVRSLIGNEEFLDYMPSMKRFRKEEESEGAIW
;
_entity_poly.pdbx_strand_id   A
#
loop_
_chem_comp.id
_chem_comp.type
_chem_comp.name
_chem_comp.formula
6CJ non-polymer N-[8-(cyclohexyloxy)-1-oxo-2-phenyl-1H-pyrido[2,1-b][1,3]benzothiazole-4-carbonyl]-L-tyrosine 'C33 H30 N2 O6 S'
ZN non-polymer 'ZINC ION' 'Zn 2'
#
# COMPACT_ATOMS: atom_id res chain seq x y z
N MET A 1 25.75 14.88 12.27
CA MET A 1 26.68 13.71 12.37
C MET A 1 26.72 13.06 13.74
N ASP A 2 26.29 13.77 14.78
CA ASP A 2 26.26 13.20 16.14
C ASP A 2 25.30 12.01 16.30
N VAL A 3 24.35 11.88 15.38
CA VAL A 3 23.41 10.75 15.37
C VAL A 3 23.83 9.69 14.36
N ILE A 4 23.96 10.10 13.09
CA ILE A 4 24.29 9.18 11.99
C ILE A 4 25.77 8.75 11.94
N GLY A 5 26.64 9.46 12.66
CA GLY A 5 28.08 9.20 12.60
C GLY A 5 28.50 7.80 12.99
N GLU A 6 27.84 7.23 14.00
CA GLU A 6 28.15 5.88 14.47
C GLU A 6 27.80 4.82 13.41
N ARG A 7 26.71 5.03 12.68
CA ARG A 7 26.34 4.15 11.57
C ARG A 7 27.26 4.36 10.35
N ILE A 8 27.64 5.61 10.11
CA ILE A 8 28.59 5.95 9.05
C ILE A 8 29.94 5.26 9.26
N LYS A 9 30.40 5.22 10.52
CA LYS A 9 31.70 4.65 10.86
C LYS A 9 31.76 3.13 10.67
N ARG A 10 30.67 2.43 10.94
CA ARG A 10 30.64 0.96 10.85
C ARG A 10 30.63 0.45 9.42
N ILE A 11 29.91 1.14 8.54
CA ILE A 11 29.87 0.76 7.12
C ILE A 11 31.22 1.11 6.48
N LYS A 12 31.77 2.26 6.89
CA LYS A 12 33.15 2.67 6.54
C LYS A 12 34.15 1.57 6.88
N GLU A 13 34.17 1.16 8.14
CA GLU A 13 35.13 0.16 8.61
C GLU A 13 34.88 -1.23 8.02
N GLU A 14 33.62 -1.57 7.77
CA GLU A 14 33.27 -2.88 7.22
C GLU A 14 33.74 -3.02 5.77
N HIS A 15 33.57 -1.98 4.97
CA HIS A 15 33.95 -2.00 3.56
C HIS A 15 35.07 -1.00 3.24
N ASN A 16 36.09 -0.94 4.10
CA ASN A 16 37.23 -0.04 3.87
C ASN A 16 38.15 -0.52 2.73
N SER A 17 37.89 -1.71 2.21
CA SER A 17 38.58 -2.22 1.03
C SER A 17 38.39 -1.29 -0.17
N THR A 18 37.14 -1.04 -0.54
CA THR A 18 36.80 -0.19 -1.69
C THR A 18 36.15 1.13 -1.27
N TRP A 19 36.45 1.62 -0.06
CA TRP A 19 35.83 2.85 0.44
C TRP A 19 36.54 4.09 -0.11
N HIS A 20 35.76 5.10 -0.45
CA HIS A 20 36.27 6.34 -1.03
C HIS A 20 35.21 7.44 -1.00
N TYR A 21 35.61 8.65 -1.39
CA TYR A 21 34.67 9.76 -1.55
C TYR A 21 34.67 10.25 -3.00
N ASP A 22 33.78 9.67 -3.81
CA ASP A 22 33.62 10.06 -5.21
C ASP A 22 32.98 11.44 -5.30
N ASP A 23 33.69 12.40 -5.88
CA ASP A 23 33.18 13.78 -6.04
C ASP A 23 32.20 13.93 -7.21
N GLU A 24 32.07 12.89 -8.03
CA GLU A 24 31.08 12.88 -9.11
C GLU A 24 29.85 12.03 -8.75
N ASN A 25 29.32 12.26 -7.53
CA ASN A 25 28.08 11.63 -7.08
C ASN A 25 26.88 12.56 -7.35
N PRO A 26 25.72 12.01 -7.71
CA PRO A 26 24.57 12.83 -8.04
C PRO A 26 23.61 13.02 -6.87
N TYR A 27 24.08 13.68 -5.81
CA TYR A 27 23.28 13.91 -4.59
C TYR A 27 23.40 15.36 -4.16
N LYS A 28 22.32 16.11 -4.37
CA LYS A 28 22.30 17.55 -4.11
C LYS A 28 21.47 17.91 -2.87
N THR A 29 20.33 17.25 -2.70
CA THR A 29 19.47 17.46 -1.54
C THR A 29 19.79 16.47 -0.40
N TRP A 30 20.29 15.29 -0.76
CA TRP A 30 20.81 14.33 0.22
C TRP A 30 22.27 14.65 0.55
N ALA A 31 22.67 14.36 1.79
CA ALA A 31 24.08 14.47 2.20
C ALA A 31 24.79 13.18 1.83
N TYR A 32 25.92 13.29 1.12
CA TYR A 32 26.68 12.11 0.65
C TYR A 32 27.91 11.86 1.52
N HIS A 33 28.14 10.59 1.85
CA HIS A 33 29.23 10.19 2.75
C HIS A 33 30.31 9.34 2.06
N GLY A 34 29.92 8.37 1.26
CA GLY A 34 30.88 7.51 0.55
C GLY A 34 30.25 6.38 -0.24
N SER A 35 31.08 5.43 -0.68
CA SER A 35 30.62 4.29 -1.50
C SER A 35 31.52 3.06 -1.36
N TYR A 36 31.03 1.92 -1.84
CA TYR A 36 31.81 0.68 -1.92
C TYR A 36 31.21 -0.28 -2.97
N GLU A 37 32.05 -1.16 -3.52
CA GLU A 37 31.63 -2.04 -4.62
C GLU A 37 30.97 -3.34 -4.15
N VAL A 38 29.83 -3.67 -4.75
CA VAL A 38 29.15 -4.96 -4.51
C VAL A 38 28.47 -5.47 -5.79
N LYS A 39 28.12 -6.74 -5.80
CA LYS A 39 27.59 -7.42 -6.99
C LYS A 39 26.15 -7.00 -7.30
N SER A 45 14.79 -7.85 -17.78
CA SER A 45 13.38 -8.13 -18.00
C SER A 45 12.89 -9.23 -17.06
N SER A 46 11.57 -9.39 -16.99
CA SER A 46 10.93 -10.34 -16.06
C SER A 46 10.55 -11.65 -16.73
N MET A 47 10.26 -12.66 -15.91
CA MET A 47 9.90 -14.00 -16.38
C MET A 47 8.38 -14.11 -16.51
N ILE A 48 7.93 -14.93 -17.47
CA ILE A 48 6.52 -15.02 -17.84
C ILE A 48 5.90 -16.35 -17.42
N ASN A 49 4.68 -16.27 -16.88
CA ASN A 49 3.91 -17.46 -16.48
C ASN A 49 3.32 -18.15 -17.70
N GLY A 50 3.94 -19.26 -18.12
CA GLY A 50 3.53 -19.99 -19.32
C GLY A 50 2.10 -20.49 -19.29
N VAL A 51 1.63 -20.90 -18.11
CA VAL A 51 0.30 -21.45 -17.95
C VAL A 51 -0.76 -20.39 -18.23
N VAL A 52 -0.58 -19.22 -17.62
CA VAL A 52 -1.51 -18.11 -17.79
C VAL A 52 -1.43 -17.56 -19.21
N LYS A 53 -0.24 -17.50 -19.77
CA LYS A 53 -0.04 -16.99 -21.13
C LYS A 53 -0.83 -17.82 -22.13
N LEU A 54 -0.60 -19.13 -22.15
CA LEU A 54 -1.30 -20.04 -23.05
C LEU A 54 -2.81 -19.87 -23.03
N LEU A 55 -3.37 -19.69 -21.84
CA LEU A 55 -4.82 -19.62 -21.67
C LEU A 55 -5.39 -18.21 -21.84
N THR A 56 -4.55 -17.26 -22.24
CA THR A 56 -4.97 -15.89 -22.54
C THR A 56 -4.31 -15.40 -23.84
N LYS A 57 -4.50 -16.16 -24.92
CA LYS A 57 -3.83 -15.89 -26.19
C LYS A 57 -4.15 -14.52 -26.79
N PRO A 58 -5.43 -14.10 -26.77
CA PRO A 58 -5.77 -12.78 -27.34
C PRO A 58 -4.96 -11.63 -26.75
N TRP A 59 -4.54 -11.76 -25.50
CA TRP A 59 -3.83 -10.69 -24.81
C TRP A 59 -2.32 -10.74 -25.04
N ASP A 60 -1.86 -11.61 -25.94
CA ASP A 60 -0.48 -11.58 -26.41
C ASP A 60 -0.22 -10.30 -27.19
N VAL A 61 -1.23 -9.86 -27.94
CA VAL A 61 -1.14 -8.65 -28.77
C VAL A 61 -1.87 -7.47 -28.13
N VAL A 62 -1.59 -7.22 -26.85
CA VAL A 62 -2.17 -6.11 -26.11
C VAL A 62 -1.03 -5.31 -25.47
N PRO A 63 -0.93 -4.00 -25.78
CA PRO A 63 0.20 -3.18 -25.32
C PRO A 63 0.41 -3.16 -23.81
N MET A 64 -0.67 -2.96 -23.05
CA MET A 64 -0.57 -2.87 -21.60
C MET A 64 -0.05 -4.17 -20.99
N VAL A 65 -0.46 -5.30 -21.56
CA VAL A 65 0.05 -6.60 -21.11
C VAL A 65 1.52 -6.72 -21.46
N THR A 66 1.85 -6.35 -22.70
CA THR A 66 3.24 -6.36 -23.17
C THR A 66 4.13 -5.45 -22.32
N GLN A 67 3.59 -4.30 -21.92
CA GLN A 67 4.35 -3.33 -21.13
C GLN A 67 4.65 -3.86 -19.73
N MET A 68 3.71 -4.58 -19.15
CA MET A 68 3.88 -5.16 -17.82
C MET A 68 4.93 -6.28 -17.81
N ALA A 69 5.25 -6.82 -18.99
CA ALA A 69 6.30 -7.83 -19.14
C ALA A 69 7.72 -7.24 -19.12
N MET A 70 7.88 -6.03 -18.59
CA MET A 70 9.22 -5.44 -18.40
C MET A 70 9.34 -4.86 -17.00
N THR A 71 10.27 -5.41 -16.22
CA THR A 71 10.58 -4.92 -14.88
C THR A 71 11.99 -4.32 -14.89
N ASP A 72 12.19 -3.25 -14.14
CA ASP A 72 13.45 -2.52 -14.11
C ASP A 72 14.04 -2.54 -12.68
N THR A 73 14.34 -3.75 -12.19
CA THR A 73 14.89 -3.93 -10.84
C THR A 73 16.42 -3.77 -10.76
N THR A 74 17.07 -3.58 -11.91
CA THR A 74 18.52 -3.35 -11.95
C THR A 74 18.86 -1.97 -11.35
N PRO A 75 20.14 -1.76 -10.97
CA PRO A 75 20.56 -0.44 -10.47
C PRO A 75 20.41 0.70 -11.48
N PHE A 76 20.37 0.35 -12.77
CA PHE A 76 20.02 1.30 -13.84
C PHE A 76 18.68 1.99 -13.56
N GLY A 77 17.67 1.19 -13.19
CA GLY A 77 16.33 1.71 -12.91
C GLY A 77 16.14 2.30 -11.52
N GLN A 78 16.99 1.90 -10.57
CA GLN A 78 16.92 2.40 -9.20
C GLN A 78 17.29 3.89 -9.11
N GLN A 79 18.19 4.32 -9.99
CA GLN A 79 18.60 5.73 -10.08
C GLN A 79 17.74 6.54 -11.06
N ARG A 80 17.14 5.83 -12.03
CA ARG A 80 16.31 6.45 -13.06
C ARG A 80 15.14 7.29 -12.51
N VAL A 81 14.46 6.77 -11.51
CA VAL A 81 13.29 7.43 -10.91
C VAL A 81 13.61 8.08 -9.55
N PHE A 82 14.86 7.92 -9.09
CA PHE A 82 15.29 8.41 -7.79
C PHE A 82 15.38 9.93 -7.74
N LYS A 83 16.28 10.50 -8.54
CA LYS A 83 16.55 11.95 -8.52
C LYS A 83 15.36 12.82 -8.92
N GLU A 84 14.43 12.26 -9.69
CA GLU A 84 13.26 12.99 -10.17
C GLU A 84 12.39 13.47 -9.01
N LYS A 85 12.03 12.55 -8.12
CA LYS A 85 11.18 12.85 -6.96
C LYS A 85 11.92 12.87 -5.63
N VAL A 86 12.80 11.89 -5.42
CA VAL A 86 13.40 11.66 -4.09
C VAL A 86 14.52 12.64 -3.77
N ASP A 87 15.17 13.19 -4.80
CA ASP A 87 16.24 14.19 -4.60
C ASP A 87 15.70 15.60 -4.82
N THR A 88 14.76 16.02 -3.96
CA THR A 88 14.17 17.35 -4.00
C THR A 88 13.85 17.83 -2.58
N ARG A 89 13.76 19.14 -2.40
CA ARG A 89 13.43 19.72 -1.09
C ARG A 89 12.02 20.31 -1.09
N THR A 90 11.25 19.99 -0.06
CA THR A 90 9.90 20.54 0.13
C THR A 90 10.01 21.79 1.02
N PRO A 91 9.60 22.97 0.52
CA PRO A 91 9.74 24.20 1.32
C PRO A 91 8.95 24.16 2.62
N ARG A 92 9.48 24.83 3.66
CA ARG A 92 8.86 24.85 4.98
C ARG A 92 7.48 25.50 4.92
N PRO A 93 6.46 24.85 5.50
CA PRO A 93 5.15 25.48 5.58
C PRO A 93 5.15 26.77 6.41
N LEU A 94 4.20 27.65 6.13
CA LEU A 94 4.08 28.92 6.82
C LEU A 94 3.76 28.71 8.31
N PRO A 95 4.10 29.70 9.16
CA PRO A 95 3.89 29.58 10.60
C PRO A 95 2.46 29.19 10.99
N GLY A 96 1.47 29.82 10.34
CA GLY A 96 0.07 29.51 10.59
C GLY A 96 -0.27 28.08 10.25
N THR A 97 0.17 27.66 9.07
CA THR A 97 -0.01 26.28 8.62
C THR A 97 0.64 25.29 9.60
N ARG A 98 1.83 25.63 10.08
CA ARG A 98 2.54 24.80 11.05
C ARG A 98 1.78 24.66 12.37
N LYS A 99 1.12 25.74 12.80
CA LYS A 99 0.29 25.72 14.01
C LYS A 99 -0.97 24.88 13.80
N VAL A 100 -1.64 25.07 12.67
CA VAL A 100 -2.88 24.36 12.38
C VAL A 100 -2.62 22.85 12.38
N MET A 101 -1.57 22.46 11.67
CA MET A 101 -1.17 21.06 11.62
C MET A 101 -0.90 20.51 13.01
N GLU A 102 -0.21 21.29 13.83
CA GLU A 102 0.12 20.91 15.19
C GLU A 102 -1.14 20.66 16.03
N ILE A 103 -2.09 21.57 15.96
CA ILE A 103 -3.35 21.42 16.72
C ILE A 103 -4.11 20.20 16.23
N THR A 104 -4.22 20.07 14.91
CA THR A 104 -4.96 18.97 14.30
C THR A 104 -4.33 17.63 14.65
N ALA A 105 -3.00 17.56 14.55
CA ALA A 105 -2.27 16.34 14.90
C ALA A 105 -2.55 15.94 16.34
N GLU A 106 -2.39 16.89 17.25
CA GLU A 106 -2.71 16.68 18.67
C GLU A 106 -4.11 16.09 18.82
N TRP A 107 -5.09 16.84 18.32
CA TRP A 107 -6.50 16.43 18.38
C TRP A 107 -6.72 15.05 17.79
N LEU A 108 -6.07 14.78 16.67
CA LEU A 108 -6.25 13.51 15.97
C LEU A 108 -5.65 12.35 16.77
N TRP A 109 -4.43 12.52 17.27
CA TRP A 109 -3.79 11.49 18.07
C TRP A 109 -4.64 11.14 19.29
N ARG A 110 -5.22 12.17 19.93
CA ARG A 110 -6.09 11.96 21.07
C ARG A 110 -7.34 11.17 20.69
N THR A 111 -7.93 11.52 19.54
CA THR A 111 -9.13 10.85 19.05
C THR A 111 -8.86 9.37 18.75
N LEU A 112 -7.74 9.09 18.10
CA LEU A 112 -7.40 7.71 17.71
C LEU A 112 -7.16 6.81 18.91
N GLY A 113 -6.49 7.35 19.94
CA GLY A 113 -6.19 6.61 21.15
C GLY A 113 -7.18 6.81 22.29
N ARG A 114 -8.45 7.01 21.95
CA ARG A 114 -9.50 7.18 22.94
C ARG A 114 -9.81 5.88 23.66
N ASN A 115 -9.90 4.79 22.92
CA ASN A 115 -10.17 3.46 23.49
C ASN A 115 -8.89 2.68 23.65
N LYS A 116 -8.13 2.58 22.56
CA LYS A 116 -6.91 1.79 22.53
C LYS A 116 -5.80 2.45 23.34
N ARG A 117 -4.77 1.65 23.65
CA ARG A 117 -3.59 2.15 24.34
C ARG A 117 -2.34 1.67 23.59
N PRO A 118 -1.35 2.56 23.39
CA PRO A 118 -0.11 2.13 22.75
C PRO A 118 0.61 1.06 23.54
N ARG A 119 1.28 0.14 22.85
CA ARG A 119 2.01 -0.92 23.51
C ARG A 119 3.15 -1.47 22.64
N LEU A 120 4.11 -2.13 23.28
CA LEU A 120 5.23 -2.74 22.56
C LEU A 120 4.78 -4.02 21.90
N CYS A 121 5.24 -4.27 20.69
CA CYS A 121 5.09 -5.58 20.07
C CYS A 121 6.30 -6.42 20.45
N THR A 122 6.24 -7.71 20.15
CA THR A 122 7.16 -8.68 20.73
C THR A 122 7.89 -9.53 19.69
N ARG A 123 8.97 -10.17 20.15
CA ARG A 123 9.70 -11.17 19.39
C ARG A 123 8.78 -12.27 18.87
N GLU A 124 7.86 -12.70 19.72
CA GLU A 124 6.94 -13.78 19.39
C GLU A 124 5.99 -13.40 18.25
N GLU A 125 5.51 -12.16 18.26
CA GLU A 125 4.63 -11.66 17.20
C GLU A 125 5.37 -11.55 15.88
N PHE A 126 6.54 -10.91 15.92
CA PHE A 126 7.41 -10.77 14.76
C PHE A 126 7.73 -12.13 14.16
N THR A 127 8.05 -13.08 15.04
CA THR A 127 8.33 -14.45 14.64
C THR A 127 7.12 -15.09 13.96
N LYS A 128 5.97 -15.03 14.63
CA LYS A 128 4.73 -15.62 14.11
C LYS A 128 4.41 -15.09 12.71
N LYS A 129 4.54 -13.78 12.52
CA LYS A 129 4.27 -13.15 11.23
C LYS A 129 5.25 -13.61 10.15
N VAL A 130 6.54 -13.57 10.46
CA VAL A 130 7.58 -13.98 9.51
C VAL A 130 7.29 -15.38 8.96
N ARG A 131 6.98 -16.32 9.86
CA ARG A 131 6.71 -17.70 9.46
C ARG A 131 5.49 -17.81 8.55
N THR A 132 4.37 -17.22 8.97
CA THR A 132 3.14 -17.28 8.19
C THR A 132 3.27 -16.57 6.84
N ASN A 133 4.07 -15.49 6.79
CA ASN A 133 4.35 -14.80 5.54
C ASN A 133 5.00 -15.73 4.51
N ALA A 134 6.06 -16.42 4.93
CA ALA A 134 6.73 -17.40 4.07
C ALA A 134 5.93 -18.69 4.02
N ALA A 135 4.80 -18.66 3.29
CA ALA A 135 3.90 -19.81 3.18
C ALA A 135 2.96 -19.65 1.99
N SER A 148 14.42 -17.09 4.11
CA SER A 148 15.75 -16.76 4.64
C SER A 148 15.65 -15.98 5.94
N ALA A 149 14.64 -15.11 6.04
CA ALA A 149 14.35 -14.39 7.28
C ALA A 149 13.90 -15.37 8.36
N LYS A 150 13.20 -16.43 7.94
CA LYS A 150 12.83 -17.52 8.82
C LYS A 150 14.05 -18.05 9.57
N ALA A 151 15.12 -18.32 8.82
CA ALA A 151 16.37 -18.84 9.42
C ALA A 151 16.94 -17.91 10.49
N ALA A 152 16.89 -16.60 10.26
CA ALA A 152 17.37 -15.61 11.21
C ALA A 152 16.52 -15.54 12.47
N VAL A 153 15.21 -15.73 12.30
CA VAL A 153 14.29 -15.73 13.44
C VAL A 153 14.53 -16.93 14.36
N GLU A 154 14.87 -18.08 13.77
CA GLU A 154 15.18 -19.29 14.55
C GLU A 154 16.52 -19.13 15.27
N ASP A 155 17.46 -18.44 14.63
CA ASP A 155 18.78 -18.17 15.19
C ASP A 155 18.66 -17.34 16.46
N GLU A 156 19.22 -17.86 17.55
CA GLU A 156 19.18 -17.18 18.85
C GLU A 156 20.12 -15.98 18.89
N GLU A 157 21.28 -16.10 18.23
CA GLU A 157 22.26 -15.01 18.18
C GLU A 157 21.74 -13.76 17.46
N PHE A 158 20.75 -13.94 16.58
CA PHE A 158 20.05 -12.81 15.97
C PHE A 158 19.37 -11.95 17.04
N TRP A 159 18.61 -12.61 17.90
CA TRP A 159 17.87 -11.92 18.95
C TRP A 159 18.78 -11.31 20.00
N LYS A 160 19.96 -11.91 20.17
CA LYS A 160 20.98 -11.36 21.06
C LYS A 160 21.54 -10.05 20.50
N LEU A 161 21.72 -10.00 19.18
CA LEU A 161 22.16 -8.76 18.51
C LEU A 161 21.09 -7.67 18.63
N VAL A 162 19.82 -8.07 18.49
CA VAL A 162 18.69 -7.15 18.66
C VAL A 162 18.75 -6.47 20.03
N ASP A 163 18.98 -7.25 21.07
CA ASP A 163 19.09 -6.72 22.44
C ASP A 163 20.22 -5.70 22.54
N ARG A 164 21.33 -6.00 21.87
CA ARG A 164 22.51 -5.14 21.86
C ARG A 164 22.16 -3.75 21.33
N GLU A 165 21.54 -3.71 20.15
CA GLU A 165 21.12 -2.46 19.52
C GLU A 165 20.07 -1.71 20.34
N ARG A 166 19.16 -2.47 20.96
CA ARG A 166 18.15 -1.89 21.82
C ARG A 166 18.77 -1.09 22.96
N GLU A 167 19.83 -1.62 23.56
CA GLU A 167 20.54 -0.92 24.64
C GLU A 167 21.15 0.38 24.12
N LEU A 168 21.67 0.34 22.89
CA LEU A 168 22.15 1.56 22.23
C LEU A 168 21.02 2.56 22.04
N HIS A 169 19.86 2.05 21.62
CA HIS A 169 18.68 2.89 21.42
C HIS A 169 18.19 3.53 22.73
N LYS A 170 18.23 2.77 23.82
CA LYS A 170 17.90 3.31 25.14
C LYS A 170 18.88 4.41 25.55
N LEU A 171 20.14 4.28 25.13
CA LEU A 171 21.18 5.27 25.39
C LEU A 171 21.08 6.50 24.49
N GLY A 172 20.14 6.49 23.55
CA GLY A 172 19.97 7.59 22.61
C GLY A 172 20.84 7.47 21.37
N LYS A 173 21.64 6.41 21.30
CA LYS A 173 22.54 6.19 20.16
C LYS A 173 21.97 5.13 19.24
N CYS A 174 22.61 4.95 18.09
CA CYS A 174 22.23 3.90 17.14
C CYS A 174 23.40 3.50 16.27
N GLY A 175 23.68 2.20 16.23
CA GLY A 175 24.86 1.68 15.55
C GLY A 175 24.61 0.98 14.22
N SER A 176 23.58 0.14 14.15
CA SER A 176 23.43 -0.80 13.04
C SER A 176 22.15 -0.67 12.20
N CYS A 177 21.25 0.27 12.55
CA CYS A 177 19.99 0.40 11.82
C CYS A 177 20.15 1.25 10.56
N VAL A 178 20.41 0.58 9.45
CA VAL A 178 20.57 1.24 8.16
C VAL A 178 19.32 0.94 7.31
N TYR A 179 19.09 1.75 6.28
CA TYR A 179 17.92 1.60 5.41
C TYR A 179 18.33 1.38 3.95
N ASN A 180 17.64 0.49 3.25
CA ASN A 180 17.98 0.15 1.85
C ASN A 180 16.87 0.52 0.86
N MET A 181 17.29 0.96 -0.33
CA MET A 181 16.36 1.34 -1.40
C MET A 181 16.17 0.18 -2.36
N GLY A 197 28.89 -14.26 5.86
CA GLY A 197 29.31 -12.90 5.64
C GLY A 197 28.14 -11.97 5.38
N SER A 198 27.32 -12.34 4.40
CA SER A 198 26.15 -11.56 4.01
C SER A 198 25.05 -11.58 5.10
N ARG A 199 24.99 -12.66 5.88
CA ARG A 199 23.99 -12.78 6.94
C ARG A 199 24.22 -11.76 8.06
N ALA A 200 25.45 -11.26 8.21
CA ALA A 200 25.78 -10.25 9.22
C ALA A 200 24.95 -8.98 9.02
N ILE A 201 25.08 -8.35 7.85
CA ILE A 201 24.30 -7.15 7.55
C ILE A 201 22.83 -7.47 7.29
N TRP A 202 22.56 -8.68 6.82
CA TRP A 202 21.18 -9.16 6.65
C TRP A 202 20.46 -9.28 7.99
N TYR A 203 21.20 -9.69 9.03
CA TYR A 203 20.70 -9.69 10.40
C TYR A 203 20.50 -8.25 10.90
N MET A 204 21.47 -7.38 10.59
CA MET A 204 21.38 -5.97 10.98
C MET A 204 20.16 -5.26 10.40
N TRP A 205 19.84 -5.58 9.15
CA TRP A 205 18.67 -5.00 8.49
C TRP A 205 17.39 -5.50 9.14
N LEU A 206 17.26 -6.83 9.23
CA LEU A 206 16.08 -7.46 9.81
C LEU A 206 15.90 -7.08 11.28
N GLY A 207 17.01 -6.98 12.01
CA GLY A 207 17.00 -6.54 13.40
C GLY A 207 16.52 -5.10 13.53
N VAL A 208 16.94 -4.25 12.60
CA VAL A 208 16.48 -2.86 12.55
C VAL A 208 14.98 -2.79 12.33
N ARG A 209 14.45 -3.66 11.46
CA ARG A 209 13.02 -3.70 11.19
C ARG A 209 12.23 -4.22 12.38
N TYR A 210 12.81 -5.15 13.14
CA TYR A 210 12.14 -5.62 14.36
C TYR A 210 11.98 -4.50 15.39
N LEU A 211 13.05 -3.74 15.61
CA LEU A 211 13.00 -2.64 16.58
C LEU A 211 11.93 -1.61 16.20
N GLU A 212 11.73 -1.40 14.91
CA GLU A 212 10.63 -0.56 14.44
C GLU A 212 9.31 -1.21 14.84
N PHE A 213 9.14 -2.46 14.43
CA PHE A 213 7.94 -3.25 14.74
C PHE A 213 7.63 -3.27 16.23
N GLU A 214 8.67 -3.37 17.05
CA GLU A 214 8.53 -3.36 18.50
C GLU A 214 7.90 -2.06 18.98
N ALA A 215 8.50 -0.93 18.59
CA ALA A 215 8.08 0.39 19.06
C ALA A 215 6.80 0.88 18.41
N LEU A 216 6.65 0.67 17.10
CA LEU A 216 5.54 1.27 16.34
C LEU A 216 4.57 0.28 15.69
N GLY A 217 4.79 -1.01 15.89
CA GLY A 217 3.94 -2.04 15.27
C GLY A 217 2.48 -1.95 15.69
N PHE A 218 2.25 -1.63 16.97
CA PHE A 218 0.90 -1.57 17.53
C PHE A 218 -0.10 -0.85 16.63
N LEU A 219 0.34 0.21 15.96
CA LEU A 219 -0.51 0.96 15.04
C LEU A 219 -1.18 0.02 14.04
N ASN A 220 -0.38 -0.86 13.45
CA ASN A 220 -0.87 -1.85 12.51
C ASN A 220 -1.48 -3.07 13.22
N GLU A 221 -0.77 -3.59 14.21
CA GLU A 221 -1.17 -4.84 14.88
C GLU A 221 -2.46 -4.72 15.67
N ASP A 222 -2.68 -3.56 16.29
CA ASP A 222 -3.92 -3.29 17.04
C ASP A 222 -4.95 -2.51 16.21
N HIS A 223 -4.70 -2.39 14.90
CA HIS A 223 -5.68 -1.87 13.97
C HIS A 223 -6.19 -0.47 14.34
N TRP A 224 -5.25 0.42 14.65
CA TRP A 224 -5.58 1.80 15.02
C TRP A 224 -6.29 2.55 13.90
N PHE A 225 -6.03 2.16 12.66
CA PHE A 225 -6.67 2.80 11.51
C PHE A 225 -7.79 1.96 10.90
N SER A 226 -8.38 1.08 11.71
CA SER A 226 -9.63 0.42 11.36
C SER A 226 -10.69 1.50 11.27
N ARG A 227 -11.66 1.33 10.38
CA ARG A 227 -12.68 2.36 10.18
C ARG A 227 -13.46 2.66 11.46
N GLU A 228 -13.60 1.67 12.33
CA GLU A 228 -14.27 1.87 13.61
C GLU A 228 -13.47 2.79 14.53
N ASN A 229 -12.15 2.60 14.57
CA ASN A 229 -11.30 3.41 15.44
C ASN A 229 -10.88 4.74 14.81
N SER A 230 -10.68 4.77 13.50
CA SER A 230 -10.17 5.96 12.81
C SER A 230 -11.24 6.80 12.11
N TYR A 231 -12.43 6.24 11.90
CA TYR A 231 -13.50 6.89 11.13
C TYR A 231 -13.21 7.00 9.64
N SER A 232 -12.05 7.56 9.29
CA SER A 232 -11.65 7.70 7.88
C SER A 232 -10.88 6.50 7.33
N GLY A 233 -10.15 5.79 8.19
CA GLY A 233 -9.29 4.69 7.75
C GLY A 233 -10.07 3.49 7.21
N VAL A 234 -9.36 2.57 6.56
CA VAL A 234 -9.95 1.34 6.05
C VAL A 234 -9.04 0.12 6.25
N GLU A 235 -8.21 0.17 7.31
CA GLU A 235 -7.27 -0.90 7.61
C GLU A 235 -8.02 -2.16 8.05
N GLY A 236 -7.69 -3.29 7.42
CA GLY A 236 -8.30 -4.57 7.75
C GLY A 236 -9.71 -4.77 7.21
N GLU A 237 -10.18 -3.85 6.37
CA GLU A 237 -11.54 -3.92 5.83
C GLU A 237 -11.57 -4.84 4.62
N GLY A 238 -10.61 -4.66 3.72
CA GLY A 238 -10.47 -5.52 2.56
C GLY A 238 -11.08 -4.91 1.31
N LEU A 239 -10.50 -5.26 0.16
CA LEU A 239 -10.90 -4.73 -1.14
C LEU A 239 -12.41 -4.84 -1.33
N HIS A 240 -12.93 -6.04 -1.07
CA HIS A 240 -14.37 -6.31 -1.19
C HIS A 240 -15.27 -5.31 -0.44
N LYS A 241 -14.78 -4.80 0.70
CA LYS A 241 -15.55 -3.83 1.49
C LYS A 241 -15.38 -2.37 1.05
N LEU A 242 -14.30 -2.06 0.32
CA LEU A 242 -14.00 -0.68 -0.04
C LEU A 242 -15.09 -0.02 -0.87
N GLY A 243 -15.66 -0.77 -1.82
CA GLY A 243 -16.76 -0.26 -2.64
C GLY A 243 -17.97 0.09 -1.80
N TYR A 244 -18.31 -0.79 -0.87
CA TYR A 244 -19.41 -0.55 0.06
C TYR A 244 -19.16 0.69 0.91
N ILE A 245 -17.91 0.86 1.34
CA ILE A 245 -17.52 2.03 2.14
C ILE A 245 -17.72 3.34 1.36
N LEU A 246 -17.27 3.36 0.11
CA LEU A 246 -17.42 4.55 -0.74
C LEU A 246 -18.89 4.86 -1.05
N ARG A 247 -19.69 3.81 -1.25
CA ARG A 247 -21.13 4.00 -1.45
C ARG A 247 -21.77 4.62 -0.20
N ASP A 248 -21.36 4.15 0.98
CA ASP A 248 -21.85 4.72 2.24
C ASP A 248 -21.53 6.19 2.37
N ILE A 249 -20.33 6.59 1.95
CA ILE A 249 -19.93 7.99 2.00
C ILE A 249 -20.80 8.82 1.07
N SER A 250 -21.09 8.29 -0.11
CA SER A 250 -21.91 9.00 -1.09
C SER A 250 -23.31 9.37 -0.58
N LYS A 251 -23.80 8.60 0.40
CA LYS A 251 -25.06 8.91 1.06
C LYS A 251 -24.98 10.13 1.98
N ILE A 252 -23.77 10.52 2.37
CA ILE A 252 -23.57 11.64 3.28
C ILE A 252 -23.82 12.94 2.51
N PRO A 253 -24.78 13.76 2.97
CA PRO A 253 -25.09 14.99 2.25
C PRO A 253 -23.91 15.94 2.19
N GLY A 254 -23.61 16.45 0.99
CA GLY A 254 -22.51 17.41 0.83
C GLY A 254 -22.22 17.75 -0.62
N GLY A 255 -20.96 18.06 -0.90
CA GLY A 255 -20.50 18.31 -2.27
C GLY A 255 -20.11 17.03 -2.98
N ALA A 256 -19.25 17.15 -3.99
CA ALA A 256 -18.80 16.01 -4.78
C ALA A 256 -17.76 15.18 -4.02
N MET A 257 -17.39 14.05 -4.59
CA MET A 257 -16.37 13.18 -3.98
C MET A 257 -15.02 13.37 -4.67
N TYR A 258 -14.08 13.99 -3.96
CA TYR A 258 -12.76 14.31 -4.50
C TYR A 258 -11.73 13.25 -4.10
N ALA A 259 -10.90 12.85 -5.06
CA ALA A 259 -9.86 11.86 -4.81
C ALA A 259 -8.54 12.28 -5.48
N ASP A 260 -7.96 13.35 -4.96
CA ASP A 260 -6.74 13.93 -5.53
C ASP A 260 -5.49 13.09 -5.25
N ASP A 261 -4.71 12.86 -6.30
CA ASP A 261 -3.41 12.20 -6.17
C ASP A 261 -2.36 13.20 -5.74
N THR A 262 -1.45 12.79 -4.86
CA THR A 262 -0.31 13.61 -4.48
C THR A 262 0.93 13.14 -5.25
N ALA A 263 1.69 14.10 -5.78
CA ALA A 263 2.90 13.79 -6.52
C ALA A 263 4.02 13.41 -5.55
N GLY A 264 4.32 12.12 -5.50
CA GLY A 264 5.41 11.58 -4.67
C GLY A 264 5.22 11.82 -3.19
N TRP A 265 4.20 11.20 -2.61
CA TRP A 265 3.79 11.48 -1.22
C TRP A 265 4.93 11.39 -0.21
N ASP A 266 5.63 10.26 -0.21
CA ASP A 266 6.71 10.03 0.76
C ASP A 266 7.82 11.08 0.70
N THR A 267 7.97 11.72 -0.46
CA THR A 267 8.96 12.80 -0.63
C THR A 267 8.44 14.14 -0.10
N ARG A 268 7.11 14.28 -0.01
CA ARG A 268 6.49 15.53 0.46
C ARG A 268 6.27 15.55 1.98
N ILE A 269 6.65 14.49 2.67
CA ILE A 269 6.58 14.45 4.13
C ILE A 269 7.65 15.38 4.68
N THR A 270 7.22 16.43 5.39
CA THR A 270 8.13 17.45 5.90
C THR A 270 8.73 17.06 7.25
N GLU A 271 9.68 17.87 7.72
CA GLU A 271 10.20 17.74 9.08
C GLU A 271 9.08 17.97 10.09
N ASP A 272 8.20 18.92 9.77
CA ASP A 272 7.08 19.26 10.64
C ASP A 272 6.10 18.12 10.82
N ASP A 273 5.78 17.43 9.73
CA ASP A 273 4.90 16.26 9.79
C ASP A 273 5.47 15.20 10.71
N LEU A 274 6.79 14.99 10.63
CA LEU A 274 7.46 14.02 11.49
C LEU A 274 7.37 14.41 12.97
N HIS A 275 7.44 15.71 13.24
CA HIS A 275 7.27 16.22 14.60
C HIS A 275 5.84 16.03 15.10
N ASN A 276 4.88 16.16 14.18
CA ASN A 276 3.47 15.92 14.51
C ASN A 276 3.18 14.44 14.74
N GLU A 277 3.80 13.59 13.94
CA GLU A 277 3.60 12.15 14.03
C GLU A 277 4.10 11.57 15.36
N GLU A 278 5.25 12.04 15.83
CA GLU A 278 5.85 11.52 17.05
C GLU A 278 5.05 11.90 18.31
N LYS A 279 4.11 12.83 18.19
CA LYS A 279 3.24 13.19 19.32
C LYS A 279 2.51 11.99 19.90
N ILE A 280 2.39 10.91 19.11
CA ILE A 280 1.90 9.62 19.62
C ILE A 280 2.63 9.13 20.86
N ILE A 281 3.92 9.43 20.99
CA ILE A 281 4.72 8.96 22.12
C ILE A 281 4.14 9.39 23.48
N GLN A 282 3.39 10.49 23.49
CA GLN A 282 2.79 11.01 24.71
C GLN A 282 1.81 10.04 25.38
N GLN A 283 1.23 9.13 24.61
CA GLN A 283 0.28 8.13 25.12
C GLN A 283 0.95 6.82 25.51
N MET A 284 2.26 6.70 25.29
CA MET A 284 2.99 5.48 25.59
C MET A 284 3.47 5.43 27.03
N ASP A 285 3.76 4.22 27.49
CA ASP A 285 4.36 4.03 28.81
C ASP A 285 5.82 4.44 28.75
N PRO A 286 6.42 4.80 29.90
CA PRO A 286 7.80 5.27 29.97
C PRO A 286 8.80 4.43 29.17
N GLU A 287 8.79 3.12 29.40
CA GLU A 287 9.70 2.20 28.73
C GLU A 287 9.42 2.06 27.23
N HIS A 288 8.16 2.21 26.84
CA HIS A 288 7.76 2.16 25.42
C HIS A 288 8.05 3.48 24.73
N ARG A 289 7.69 4.59 25.38
CA ARG A 289 8.06 5.93 24.91
C ARG A 289 9.54 5.99 24.61
N GLN A 290 10.34 5.57 25.59
CA GLN A 290 11.79 5.51 25.46
C GLN A 290 12.23 4.94 24.11
N LEU A 291 11.73 3.76 23.78
CA LEU A 291 12.13 3.06 22.55
C LEU A 291 11.61 3.73 21.29
N ALA A 292 10.36 4.17 21.33
CA ALA A 292 9.74 4.86 20.20
C ALA A 292 10.46 6.17 19.91
N ASN A 293 10.78 6.91 20.98
CA ASN A 293 11.56 8.15 20.85
C ASN A 293 12.84 7.93 20.05
N ALA A 294 13.53 6.82 20.34
CA ALA A 294 14.76 6.47 19.62
C ALA A 294 14.48 6.19 18.15
N ILE A 295 13.43 5.41 17.88
CA ILE A 295 13.07 5.08 16.51
C ILE A 295 12.78 6.34 15.70
N PHE A 296 11.98 7.26 16.26
CA PHE A 296 11.69 8.51 15.59
C PHE A 296 12.93 9.38 15.39
N LYS A 297 13.57 9.76 16.50
CA LYS A 297 14.72 10.66 16.44
C LYS A 297 15.90 10.13 15.64
N LEU A 298 16.10 8.80 15.66
CA LEU A 298 17.32 8.21 15.10
C LEU A 298 17.17 7.52 13.75
N THR A 299 15.96 7.07 13.38
CA THR A 299 15.77 6.35 12.11
C THR A 299 14.75 6.98 11.13
N TYR A 300 13.91 7.89 11.61
CA TYR A 300 12.94 8.59 10.75
C TYR A 300 13.39 10.02 10.52
N GLN A 301 13.56 10.77 11.62
CA GLN A 301 14.00 12.16 11.56
C GLN A 301 15.49 12.28 11.24
N ASN A 302 16.21 11.16 11.30
CA ASN A 302 17.54 11.02 10.72
C ASN A 302 17.62 9.64 10.09
N LYS A 303 18.25 9.53 8.92
CA LYS A 303 18.37 8.22 8.27
C LYS A 303 19.62 8.09 7.42
N VAL A 304 20.35 7.01 7.63
CA VAL A 304 21.50 6.63 6.79
C VAL A 304 21.02 5.59 5.80
N VAL A 305 20.95 5.96 4.53
CA VAL A 305 20.35 5.09 3.51
C VAL A 305 21.42 4.49 2.60
N LYS A 306 21.26 3.20 2.31
CA LYS A 306 22.04 2.50 1.30
C LYS A 306 21.29 2.57 -0.02
N VAL A 307 21.99 2.95 -1.08
CA VAL A 307 21.40 3.01 -2.42
C VAL A 307 22.42 2.55 -3.47
N GLN A 308 21.98 1.68 -4.38
CA GLN A 308 22.87 1.05 -5.36
C GLN A 308 22.90 1.88 -6.65
N ARG A 309 24.08 1.99 -7.25
CA ARG A 309 24.30 2.80 -8.46
C ARG A 309 25.40 2.20 -9.34
N PRO A 310 25.19 2.14 -10.67
CA PRO A 310 26.28 1.74 -11.58
C PRO A 310 27.26 2.88 -11.89
N THR A 311 28.48 2.53 -12.28
CA THR A 311 29.52 3.52 -12.61
C THR A 311 30.37 3.09 -13.81
N THR A 315 28.79 -0.42 -10.49
CA THR A 315 28.06 -1.13 -9.44
C THR A 315 28.68 -0.86 -8.07
N VAL A 316 28.12 0.12 -7.38
CA VAL A 316 28.57 0.50 -6.03
C VAL A 316 27.36 0.72 -5.11
N MET A 317 27.61 1.06 -3.85
CA MET A 317 26.54 1.35 -2.88
C MET A 317 26.83 2.67 -2.16
N ASP A 318 26.07 3.71 -2.51
CA ASP A 318 26.29 5.05 -1.97
C ASP A 318 25.61 5.23 -0.62
N ILE A 319 26.34 5.83 0.33
CA ILE A 319 25.82 6.07 1.68
C ILE A 319 25.38 7.54 1.83
N ILE A 320 24.08 7.75 2.00
CA ILE A 320 23.49 9.10 2.05
C ILE A 320 22.61 9.27 3.27
N SER A 321 22.25 10.52 3.57
CA SER A 321 21.43 10.82 4.76
C SER A 321 20.65 12.13 4.64
N ARG A 322 19.47 12.15 5.24
CA ARG A 322 18.68 13.38 5.36
C ARG A 322 17.68 13.27 6.51
N LYS A 323 16.97 14.36 6.77
CA LYS A 323 16.06 14.46 7.91
C LYS A 323 14.58 14.58 7.56
N ASP A 324 14.25 14.88 6.32
CA ASP A 324 12.90 15.36 5.99
C ASP A 324 12.14 14.54 4.93
N GLN A 325 12.23 13.21 5.01
CA GLN A 325 11.41 12.35 4.14
C GLN A 325 11.01 11.04 4.82
N ARG A 326 10.15 10.28 4.15
CA ARG A 326 9.71 8.98 4.64
C ARG A 326 10.56 7.86 4.03
N GLY A 327 11.11 7.01 4.90
CA GLY A 327 11.71 5.75 4.47
C GLY A 327 10.59 4.77 4.15
N SER A 328 10.29 4.61 2.87
CA SER A 328 9.12 3.83 2.43
C SER A 328 9.15 2.36 2.86
N GLY A 329 10.33 1.77 2.88
CA GLY A 329 10.50 0.37 3.31
C GLY A 329 10.37 0.12 4.80
N GLN A 330 10.36 1.20 5.60
CA GLN A 330 10.27 1.09 7.05
C GLN A 330 8.89 0.64 7.53
N VAL A 331 8.80 0.27 8.81
CA VAL A 331 7.55 -0.14 9.45
C VAL A 331 6.85 1.10 10.02
N GLY A 332 5.52 1.06 10.12
CA GLY A 332 4.73 2.22 10.54
C GLY A 332 4.36 3.18 9.42
N THR A 333 5.05 3.07 8.29
CA THR A 333 4.85 3.97 7.14
C THR A 333 3.39 4.15 6.76
N TYR A 334 2.69 3.06 6.49
CA TYR A 334 1.27 3.10 6.17
C TYR A 334 0.49 3.83 7.26
N GLY A 335 0.68 3.40 8.51
CA GLY A 335 0.03 4.03 9.64
C GLY A 335 0.27 5.53 9.69
N LEU A 336 1.54 5.91 9.56
CA LEU A 336 1.92 7.32 9.67
C LEU A 336 1.46 8.15 8.46
N ASN A 337 1.46 7.56 7.27
CA ASN A 337 0.93 8.24 6.08
C ASN A 337 -0.57 8.48 6.22
N THR A 338 -1.29 7.44 6.61
CA THR A 338 -2.72 7.53 6.84
C THR A 338 -3.03 8.67 7.82
N PHE A 339 -2.26 8.74 8.90
CA PHE A 339 -2.42 9.80 9.90
C PHE A 339 -2.20 11.18 9.28
N THR A 340 -1.03 11.38 8.68
CA THR A 340 -0.65 12.67 8.12
C THR A 340 -1.60 13.11 7.00
N ASN A 341 -2.12 12.15 6.25
CA ASN A 341 -3.13 12.44 5.24
C ASN A 341 -4.45 12.87 5.88
N MET A 342 -4.92 12.10 6.85
CA MET A 342 -6.16 12.43 7.58
C MET A 342 -6.13 13.87 8.08
N GLU A 343 -5.03 14.24 8.74
CA GLU A 343 -4.80 15.61 9.20
C GLU A 343 -4.89 16.61 8.05
N ALA A 344 -4.09 16.37 7.01
CA ALA A 344 -4.00 17.28 5.88
C ALA A 344 -5.35 17.53 5.23
N GLN A 345 -6.17 16.49 5.09
CA GLN A 345 -7.48 16.64 4.46
C GLN A 345 -8.45 17.40 5.35
N LEU A 346 -8.42 17.14 6.65
CA LEU A 346 -9.18 17.94 7.62
C LEU A 346 -8.85 19.43 7.49
N VAL A 347 -7.56 19.72 7.29
CA VAL A 347 -7.08 21.10 7.13
C VAL A 347 -7.60 21.70 5.82
N ARG A 348 -7.53 20.93 4.74
CA ARG A 348 -8.11 21.38 3.47
C ARG A 348 -9.61 21.63 3.63
N GLN A 349 -10.29 20.72 4.34
CA GLN A 349 -11.70 20.88 4.63
C GLN A 349 -11.99 22.16 5.41
N MET A 350 -11.15 22.44 6.41
CA MET A 350 -11.25 23.69 7.17
C MET A 350 -11.14 24.90 6.27
N GLU A 351 -10.13 24.90 5.40
CA GLU A 351 -9.95 26.00 4.47
C GLU A 351 -11.20 26.17 3.61
N GLY A 352 -11.63 25.09 2.98
CA GLY A 352 -12.85 25.09 2.17
C GLY A 352 -14.04 25.69 2.89
N GLU A 353 -14.20 25.33 4.17
CA GLU A 353 -15.30 25.86 4.98
C GLU A 353 -15.07 27.30 5.47
N GLY A 354 -13.99 27.93 5.01
CA GLY A 354 -13.72 29.32 5.33
C GLY A 354 -13.18 29.54 6.73
N VAL A 355 -12.73 28.46 7.36
CA VAL A 355 -12.18 28.53 8.71
C VAL A 355 -10.76 29.07 8.64
N LEU A 356 -10.01 28.59 7.64
CA LEU A 356 -8.65 29.08 7.38
C LEU A 356 -8.61 29.98 6.16
N THR A 357 -7.90 31.10 6.28
CA THR A 357 -7.70 32.04 5.20
C THR A 357 -6.21 32.15 4.87
N LYS A 358 -5.89 32.86 3.80
CA LYS A 358 -4.50 33.13 3.46
C LYS A 358 -3.79 33.77 4.64
N ALA A 359 -4.40 34.83 5.16
CA ALA A 359 -3.86 35.58 6.30
C ALA A 359 -3.54 34.68 7.50
N ASP A 360 -4.44 33.74 7.80
CA ASP A 360 -4.24 32.80 8.90
C ASP A 360 -2.98 31.96 8.70
N LEU A 361 -2.81 31.41 7.50
CA LEU A 361 -1.68 30.55 7.20
C LEU A 361 -0.35 31.29 7.36
N GLU A 362 -0.35 32.57 6.98
CA GLU A 362 0.85 33.41 7.08
C GLU A 362 1.17 33.84 8.52
N ASN A 363 0.19 33.74 9.41
CA ASN A 363 0.28 34.31 10.76
C ASN A 363 1.10 33.47 11.75
N PRO A 364 2.17 34.07 12.32
CA PRO A 364 2.90 33.40 13.40
C PRO A 364 2.12 33.29 14.71
N HIS A 365 1.15 34.17 14.92
CA HIS A 365 0.40 34.23 16.17
C HIS A 365 -1.07 33.85 15.98
N LEU A 366 -1.32 32.94 15.04
CA LEU A 366 -2.67 32.45 14.75
C LEU A 366 -3.35 31.92 16.01
N LEU A 367 -4.57 32.39 16.27
CA LEU A 367 -5.32 31.95 17.45
C LEU A 367 -5.88 30.56 17.23
N GLU A 368 -5.94 29.79 18.32
CA GLU A 368 -6.35 28.38 18.26
C GLU A 368 -7.86 28.20 18.36
N LYS A 369 -8.54 29.14 18.99
CA LYS A 369 -9.96 28.97 19.36
C LYS A 369 -10.83 28.41 18.24
N LYS A 370 -10.85 29.07 17.08
CA LYS A 370 -11.75 28.66 15.99
C LYS A 370 -11.40 27.29 15.41
N ILE A 371 -10.12 26.94 15.41
CA ILE A 371 -9.67 25.63 14.98
C ILE A 371 -10.15 24.56 15.95
N THR A 372 -9.76 24.69 17.22
CA THR A 372 -10.21 23.78 18.27
C THR A 372 -11.73 23.61 18.25
N GLN A 373 -12.45 24.74 18.17
CA GLN A 373 -13.90 24.74 18.10
C GLN A 373 -14.38 23.83 16.99
N TRP A 374 -13.80 24.01 15.81
CA TRP A 374 -14.15 23.23 14.63
C TRP A 374 -13.90 21.75 14.86
N LEU A 375 -12.71 21.42 15.32
CA LEU A 375 -12.33 20.03 15.59
C LEU A 375 -13.27 19.38 16.60
N GLU A 376 -13.54 20.07 17.70
CA GLU A 376 -14.38 19.52 18.76
C GLU A 376 -15.82 19.29 18.31
N THR A 377 -16.39 20.28 17.63
CA THR A 377 -17.79 20.20 17.22
C THR A 377 -17.98 19.32 15.98
N LYS A 378 -17.09 19.45 15.00
CA LYS A 378 -17.30 18.86 13.68
C LYS A 378 -16.27 17.81 13.25
N GLY A 379 -15.16 17.68 13.99
CA GLY A 379 -14.04 16.83 13.57
C GLY A 379 -14.41 15.42 13.16
N VAL A 380 -15.08 14.70 14.05
CA VAL A 380 -15.44 13.31 13.79
C VAL A 380 -16.41 13.20 12.61
N GLU A 381 -17.33 14.15 12.51
CA GLU A 381 -18.25 14.20 11.37
C GLU A 381 -17.44 14.30 10.08
N ARG A 382 -16.47 15.20 10.08
CA ARG A 382 -15.65 15.45 8.90
C ARG A 382 -14.71 14.29 8.58
N LEU A 383 -14.33 13.52 9.59
CA LEU A 383 -13.55 12.32 9.38
C LEU A 383 -14.38 11.24 8.70
N LYS A 384 -15.62 11.06 9.16
CA LYS A 384 -16.52 10.06 8.56
C LYS A 384 -16.80 10.28 7.07
N ARG A 385 -16.64 11.53 6.61
CA ARG A 385 -16.77 11.89 5.20
C ARG A 385 -15.61 11.42 4.33
N MET A 386 -14.61 10.76 4.92
CA MET A 386 -13.40 10.42 4.19
C MET A 386 -13.08 8.94 4.25
N ALA A 387 -12.44 8.46 3.19
CA ALA A 387 -11.89 7.10 3.13
C ALA A 387 -10.42 7.22 2.78
N ILE A 388 -9.55 7.01 3.76
CA ILE A 388 -8.12 7.26 3.59
C ILE A 388 -7.29 6.03 3.89
N SER A 389 -6.45 5.66 2.92
CA SER A 389 -5.52 4.56 3.07
C SER A 389 -4.15 5.02 2.56
N GLY A 390 -3.28 5.41 3.48
CA GLY A 390 -1.97 5.96 3.12
C GLY A 390 -2.13 7.27 2.38
N ASP A 391 -1.39 7.43 1.28
CA ASP A 391 -1.48 8.63 0.45
C ASP A 391 -2.70 8.63 -0.48
N ASP A 392 -3.52 7.57 -0.38
CA ASP A 392 -4.74 7.45 -1.16
C ASP A 392 -5.91 7.94 -0.32
N CYS A 393 -6.71 8.86 -0.87
CA CYS A 393 -7.82 9.46 -0.13
C CYS A 393 -9.04 9.71 -1.01
N VAL A 394 -10.21 9.77 -0.34
CA VAL A 394 -11.47 10.15 -0.97
C VAL A 394 -12.20 11.02 0.04
N VAL A 395 -12.74 12.16 -0.41
CA VAL A 395 -13.32 13.15 0.51
C VAL A 395 -14.61 13.72 -0.04
N LYS A 396 -15.67 13.70 0.79
CA LYS A 396 -16.94 14.34 0.45
C LYS A 396 -17.19 15.54 1.38
N PRO A 397 -16.66 16.71 1.01
CA PRO A 397 -16.83 17.91 1.83
C PRO A 397 -18.29 18.34 1.92
N ILE A 398 -18.60 19.26 2.82
CA ILE A 398 -19.98 19.74 2.98
C ILE A 398 -20.46 20.51 1.74
N ASP A 399 -19.52 21.09 0.99
CA ASP A 399 -19.83 21.77 -0.26
C ASP A 399 -18.58 21.78 -1.15
N ASP A 400 -18.67 22.40 -2.33
CA ASP A 400 -17.58 22.35 -3.30
C ASP A 400 -16.61 23.55 -3.27
N ARG A 401 -16.58 24.29 -2.15
CA ARG A 401 -15.52 25.26 -1.92
C ARG A 401 -14.19 24.52 -1.77
N PHE A 402 -14.28 23.31 -1.22
CA PHE A 402 -13.16 22.37 -1.12
C PHE A 402 -12.34 22.26 -2.40
N ALA A 403 -13.02 22.26 -3.55
CA ALA A 403 -12.34 22.12 -4.83
C ALA A 403 -11.24 23.15 -5.04
N ASN A 404 -11.50 24.40 -4.62
CA ASN A 404 -10.56 25.49 -4.81
C ASN A 404 -9.73 25.79 -3.56
N ALA A 405 -10.05 25.13 -2.45
CA ALA A 405 -9.28 25.26 -1.22
C ALA A 405 -7.92 24.58 -1.38
N LEU A 406 -6.96 25.33 -1.92
CA LEU A 406 -5.64 24.79 -2.24
C LEU A 406 -4.45 25.48 -1.56
N LEU A 407 -4.72 26.48 -0.72
CA LEU A 407 -3.64 27.21 -0.06
C LEU A 407 -2.88 26.30 0.90
N ALA A 408 -3.61 25.75 1.87
CA ALA A 408 -3.03 24.87 2.87
C ALA A 408 -2.42 23.62 2.23
N LEU A 409 -3.18 22.98 1.34
CA LEU A 409 -2.73 21.73 0.72
C LEU A 409 -1.38 21.88 0.02
N ASN A 410 -1.22 22.95 -0.74
CA ASN A 410 0.06 23.24 -1.40
C ASN A 410 1.12 23.64 -0.39
N ASP A 411 0.74 24.48 0.57
CA ASP A 411 1.68 24.97 1.58
C ASP A 411 2.24 23.84 2.46
N MET A 412 1.39 22.87 2.78
CA MET A 412 1.80 21.71 3.57
C MET A 412 2.82 20.85 2.84
N GLY A 413 2.82 20.92 1.52
CA GLY A 413 3.77 20.19 0.70
C GLY A 413 3.10 19.16 -0.19
N LYS A 414 1.85 18.84 0.11
CA LYS A 414 1.13 17.78 -0.60
C LYS A 414 0.58 18.30 -1.93
N VAL A 415 1.48 18.49 -2.89
CA VAL A 415 1.12 19.04 -4.18
C VAL A 415 0.57 17.93 -5.07
N ARG A 416 -0.49 18.23 -5.81
CA ARG A 416 -1.22 17.23 -6.57
C ARG A 416 -0.54 16.88 -7.89
N LYS A 417 -0.70 15.63 -8.31
CA LYS A 417 -0.04 15.10 -9.50
C LYS A 417 -0.70 15.57 -10.79
N ASP A 418 0.12 15.97 -11.76
CA ASP A 418 -0.35 16.28 -13.12
C ASP A 418 -1.49 17.32 -13.19
N ILE A 419 -1.37 18.39 -12.41
CA ILE A 419 -2.36 19.47 -12.45
C ILE A 419 -1.72 20.76 -11.94
N PRO A 420 -1.89 21.87 -12.69
CA PRO A 420 -1.32 23.14 -12.22
C PRO A 420 -1.69 23.46 -10.78
N GLN A 421 -0.69 23.85 -10.00
CA GLN A 421 -0.81 24.03 -8.56
C GLN A 421 -2.11 24.68 -8.05
N TRP A 422 -2.60 25.69 -8.77
CA TRP A 422 -3.75 26.47 -8.30
C TRP A 422 -5.05 26.23 -9.08
N GLN A 423 -5.02 25.26 -9.99
CA GLN A 423 -6.22 24.85 -10.72
C GLN A 423 -7.12 24.03 -9.80
N PRO A 424 -8.44 24.34 -9.77
CA PRO A 424 -9.36 23.60 -8.91
C PRO A 424 -9.42 22.09 -9.19
N SER A 425 -9.76 21.32 -8.17
CA SER A 425 -9.82 19.86 -8.29
C SER A 425 -11.09 19.42 -9.00
N LYS A 426 -11.00 18.31 -9.73
CA LYS A 426 -12.14 17.71 -10.40
C LYS A 426 -12.74 16.65 -9.49
N GLY A 427 -13.97 16.89 -9.03
CA GLY A 427 -14.69 15.95 -8.17
C GLY A 427 -15.64 15.05 -8.95
N TRP A 428 -16.17 14.03 -8.28
CA TRP A 428 -17.09 13.08 -8.90
C TRP A 428 -18.45 13.08 -8.22
N HIS A 429 -19.51 12.97 -9.02
CA HIS A 429 -20.88 12.97 -8.49
C HIS A 429 -21.50 11.58 -8.42
N ASP A 430 -20.79 10.60 -8.96
CA ASP A 430 -21.17 9.20 -8.82
C ASP A 430 -19.98 8.47 -8.20
N TRP A 431 -20.21 7.90 -7.01
CA TRP A 431 -19.18 7.15 -6.29
C TRP A 431 -18.54 6.01 -7.10
N GLN A 432 -19.27 5.49 -8.09
CA GLN A 432 -18.74 4.43 -8.96
C GLN A 432 -17.64 4.89 -9.93
N GLN A 433 -17.47 6.21 -10.07
CA GLN A 433 -16.37 6.77 -10.88
C GLN A 433 -15.12 7.02 -10.04
N VAL A 434 -15.29 7.19 -8.73
CA VAL A 434 -14.19 7.55 -7.83
C VAL A 434 -13.11 6.46 -7.83
N PRO A 435 -11.86 6.84 -8.12
CA PRO A 435 -10.75 5.91 -8.01
C PRO A 435 -10.22 5.85 -6.57
N PHE A 436 -9.90 4.65 -6.11
CA PHE A 436 -9.37 4.46 -4.77
C PHE A 436 -8.65 3.12 -4.70
N CYS A 437 -7.40 3.14 -4.23
CA CYS A 437 -6.56 1.96 -4.13
C CYS A 437 -6.49 1.18 -5.45
N SER A 438 -6.19 1.92 -6.53
CA SER A 438 -6.03 1.35 -7.88
C SER A 438 -7.31 0.79 -8.51
N HIS A 439 -8.46 1.01 -7.87
CA HIS A 439 -9.73 0.44 -8.33
C HIS A 439 -10.80 1.49 -8.43
N HIS A 440 -11.89 1.11 -9.10
CA HIS A 440 -13.17 1.79 -9.00
C HIS A 440 -14.17 0.70 -8.70
N PHE A 441 -15.41 1.05 -8.40
CA PHE A 441 -16.36 0.07 -7.89
C PHE A 441 -17.71 0.15 -8.59
N HIS A 442 -18.32 -1.02 -8.78
CA HIS A 442 -19.60 -1.13 -9.47
C HIS A 442 -20.65 -1.70 -8.55
N GLU A 443 -21.87 -1.18 -8.65
CA GLU A 443 -23.02 -1.78 -7.98
C GLU A 443 -23.67 -2.75 -8.96
N LEU A 444 -23.79 -4.01 -8.55
CA LEU A 444 -24.42 -5.05 -9.36
C LEU A 444 -25.78 -5.41 -8.80
N ILE A 445 -26.70 -5.79 -9.68
CA ILE A 445 -27.97 -6.37 -9.28
C ILE A 445 -27.94 -7.83 -9.66
N MET A 446 -28.13 -8.69 -8.67
CA MET A 446 -28.21 -10.13 -8.90
C MET A 446 -29.57 -10.47 -9.50
N LYS A 447 -29.70 -11.69 -9.99
CA LYS A 447 -30.96 -12.15 -10.58
C LYS A 447 -32.09 -12.18 -9.56
N ASP A 448 -31.75 -12.43 -8.29
CA ASP A 448 -32.77 -12.51 -7.22
C ASP A 448 -33.10 -11.16 -6.54
N GLY A 449 -32.67 -10.06 -7.13
CA GLY A 449 -32.99 -8.72 -6.62
C GLY A 449 -31.94 -8.11 -5.72
N ARG A 450 -31.14 -8.95 -5.06
CA ARG A 450 -30.11 -8.48 -4.14
C ARG A 450 -29.00 -7.75 -4.88
N LYS A 451 -28.36 -6.79 -4.22
CA LYS A 451 -27.34 -5.95 -4.85
C LYS A 451 -25.95 -6.16 -4.25
N LEU A 452 -24.97 -6.34 -5.13
CA LEU A 452 -23.56 -6.41 -4.75
C LEU A 452 -22.88 -5.09 -5.05
N VAL A 453 -21.71 -4.89 -4.46
CA VAL A 453 -20.83 -3.77 -4.80
C VAL A 453 -19.41 -4.33 -4.92
N VAL A 454 -18.86 -4.29 -6.13
CA VAL A 454 -17.65 -5.03 -6.45
C VAL A 454 -16.51 -4.13 -6.91
N PRO A 455 -15.25 -4.55 -6.68
CA PRO A 455 -14.08 -3.81 -7.13
C PRO A 455 -13.72 -4.10 -8.58
N CYS A 456 -13.26 -3.08 -9.30
CA CYS A 456 -12.91 -3.24 -10.70
C CYS A 456 -11.75 -2.32 -11.10
N ARG A 457 -11.10 -2.68 -12.21
CA ARG A 457 -10.02 -1.90 -12.78
C ARG A 457 -9.82 -2.42 -14.21
N PRO A 458 -9.02 -1.72 -15.03
CA PRO A 458 -8.85 -2.15 -16.42
C PRO A 458 -8.42 -3.62 -16.54
N GLN A 459 -9.17 -4.38 -17.31
CA GLN A 459 -8.95 -5.82 -17.44
C GLN A 459 -7.52 -6.16 -17.86
N ASP A 460 -6.92 -5.31 -18.67
CA ASP A 460 -5.53 -5.48 -19.11
C ASP A 460 -4.54 -5.48 -17.94
N GLU A 461 -4.80 -4.66 -16.93
CA GLU A 461 -3.92 -4.59 -15.75
C GLU A 461 -3.96 -5.89 -14.96
N LEU A 462 -5.15 -6.47 -14.83
CA LEU A 462 -5.32 -7.72 -14.10
C LEU A 462 -4.68 -8.89 -14.84
N ILE A 463 -4.96 -8.97 -16.14
CA ILE A 463 -4.39 -10.02 -16.99
C ILE A 463 -2.87 -9.87 -17.12
N GLY A 464 -2.40 -8.65 -17.33
CA GLY A 464 -0.98 -8.37 -17.42
C GLY A 464 -0.22 -8.81 -16.17
N ARG A 465 -0.78 -8.53 -15.01
CA ARG A 465 -0.17 -8.94 -13.73
C ARG A 465 -0.16 -10.45 -13.58
N ALA A 466 -1.27 -11.10 -13.91
CA ALA A 466 -1.37 -12.56 -13.80
C ALA A 466 -0.29 -13.27 -14.61
N ARG A 467 -0.04 -12.78 -15.83
CA ARG A 467 0.95 -13.36 -16.73
C ARG A 467 2.41 -13.21 -16.26
N ILE A 468 2.64 -12.41 -15.22
CA ILE A 468 3.97 -12.28 -14.62
C ILE A 468 4.19 -13.35 -13.55
N SER A 469 5.36 -13.98 -13.62
CA SER A 469 5.83 -14.88 -12.58
C SER A 469 7.05 -14.23 -11.93
N GLN A 470 7.19 -14.42 -10.62
CA GLN A 470 8.25 -13.75 -9.85
C GLN A 470 9.56 -14.52 -9.84
N GLY A 471 10.61 -13.88 -10.36
CA GLY A 471 11.96 -14.44 -10.34
C GLY A 471 12.22 -15.45 -11.45
N ALA A 472 13.08 -16.42 -11.15
CA ALA A 472 13.42 -17.49 -12.08
C ALA A 472 13.69 -18.79 -11.32
N GLY A 473 13.94 -19.87 -12.05
CA GLY A 473 14.13 -21.18 -11.45
C GLY A 473 12.83 -21.76 -10.90
N TRP A 474 11.72 -21.41 -11.55
CA TRP A 474 10.40 -21.89 -11.16
C TRP A 474 10.01 -23.08 -12.03
N SER A 475 9.64 -24.18 -11.39
CA SER A 475 9.15 -25.36 -12.10
C SER A 475 7.76 -25.09 -12.66
N LEU A 476 7.27 -25.99 -13.51
CA LEU A 476 5.92 -25.87 -14.07
C LEU A 476 4.85 -25.97 -12.98
N ARG A 477 5.11 -26.78 -11.95
CA ARG A 477 4.18 -26.90 -10.83
C ARG A 477 4.04 -25.56 -10.09
N GLU A 478 5.17 -24.96 -9.74
CA GLU A 478 5.18 -23.66 -9.06
C GLU A 478 4.52 -22.59 -9.93
N THR A 479 4.81 -22.63 -11.22
CA THR A 479 4.21 -21.73 -12.19
C THR A 479 2.70 -21.92 -12.29
N ALA A 480 2.26 -23.17 -12.25
CA ALA A 480 0.84 -23.51 -12.33
C ALA A 480 0.08 -23.03 -11.10
N CYS A 481 0.67 -23.18 -9.92
CA CYS A 481 0.01 -22.81 -8.67
C CYS A 481 -0.16 -21.31 -8.50
N LEU A 482 0.76 -20.52 -9.07
CA LEU A 482 0.60 -19.06 -9.10
C LEU A 482 -0.56 -18.69 -10.01
N GLY A 483 -0.60 -19.31 -11.19
CA GLY A 483 -1.71 -19.14 -12.11
C GLY A 483 -3.03 -19.45 -11.44
N LYS A 484 -3.04 -20.52 -10.64
CA LYS A 484 -4.23 -20.91 -9.89
C LYS A 484 -4.58 -19.84 -8.85
N ALA A 485 -3.57 -19.33 -8.15
CA ALA A 485 -3.77 -18.25 -7.19
C ALA A 485 -4.49 -17.08 -7.86
N TYR A 486 -3.93 -16.61 -8.98
CA TYR A 486 -4.53 -15.53 -9.74
C TYR A 486 -5.94 -15.88 -10.23
N ALA A 487 -6.08 -17.07 -10.79
CA ALA A 487 -7.37 -17.53 -11.29
C ALA A 487 -8.42 -17.51 -10.20
N GLN A 488 -8.04 -17.96 -9.00
CA GLN A 488 -8.96 -18.00 -7.88
C GLN A 488 -9.23 -16.62 -7.28
N MET A 489 -8.25 -15.71 -7.36
CA MET A 489 -8.48 -14.32 -6.93
C MET A 489 -9.56 -13.68 -7.81
N TRP A 490 -9.48 -13.93 -9.10
CA TRP A 490 -10.46 -13.42 -10.04
C TRP A 490 -11.85 -13.96 -9.74
N SER A 491 -11.92 -15.22 -9.31
CA SER A 491 -13.19 -15.83 -8.95
C SER A 491 -13.90 -15.12 -7.80
N LEU A 492 -13.14 -14.53 -6.88
CA LEU A 492 -13.70 -13.89 -5.70
C LEU A 492 -13.90 -12.39 -5.85
N MET A 493 -12.94 -11.73 -6.52
CA MET A 493 -12.94 -10.26 -6.60
C MET A 493 -13.37 -9.72 -7.94
N TYR A 494 -13.06 -10.43 -9.02
CA TYR A 494 -13.31 -9.94 -10.38
C TYR A 494 -14.15 -10.90 -11.23
N PHE A 495 -14.90 -11.77 -10.54
CA PHE A 495 -15.88 -12.69 -11.16
C PHE A 495 -16.83 -12.03 -12.16
N HIS A 496 -17.16 -10.77 -11.91
CA HIS A 496 -18.08 -10.02 -12.74
C HIS A 496 -17.54 -9.69 -14.14
N ARG A 497 -16.24 -9.86 -14.33
CA ARG A 497 -15.63 -9.66 -15.64
C ARG A 497 -15.71 -10.97 -16.42
N ARG A 498 -16.46 -10.94 -17.53
CA ARG A 498 -16.72 -12.14 -18.32
C ARG A 498 -15.45 -12.89 -18.74
N ASP A 499 -14.50 -12.16 -19.29
CA ASP A 499 -13.26 -12.76 -19.81
C ASP A 499 -12.47 -13.41 -18.68
N LEU A 500 -12.43 -12.73 -17.53
CA LEU A 500 -11.68 -13.22 -16.37
C LEU A 500 -12.28 -14.49 -15.76
N ARG A 501 -13.60 -14.57 -15.74
CA ARG A 501 -14.26 -15.77 -15.22
C ARG A 501 -13.97 -16.96 -16.13
N LEU A 502 -14.00 -16.72 -17.44
CA LEU A 502 -13.69 -17.75 -18.43
C LEU A 502 -12.24 -18.20 -18.28
N ALA A 503 -11.32 -17.24 -18.23
CA ALA A 503 -9.91 -17.53 -18.06
C ALA A 503 -9.62 -18.26 -16.74
N SER A 504 -10.35 -17.86 -15.69
CA SER A 504 -10.21 -18.47 -14.37
C SER A 504 -10.62 -19.94 -14.38
N ASN A 505 -11.78 -20.22 -14.95
CA ASN A 505 -12.27 -21.60 -15.10
C ASN A 505 -11.35 -22.44 -15.97
N ALA A 506 -10.77 -21.81 -17.00
CA ALA A 506 -9.82 -22.49 -17.88
C ALA A 506 -8.55 -22.90 -17.11
N ILE A 507 -8.01 -21.95 -16.33
CA ILE A 507 -6.81 -22.20 -15.54
C ILE A 507 -7.07 -23.28 -14.49
N CYS A 508 -8.17 -23.15 -13.76
CA CYS A 508 -8.55 -24.15 -12.76
C CYS A 508 -8.74 -25.53 -13.38
N SER A 509 -9.25 -25.57 -14.61
CA SER A 509 -9.42 -26.83 -15.34
C SER A 509 -8.08 -27.46 -15.74
N ALA A 510 -7.13 -26.62 -16.14
CA ALA A 510 -5.83 -27.09 -16.61
C ALA A 510 -4.85 -27.43 -15.49
N VAL A 511 -5.14 -26.97 -14.27
CA VAL A 511 -4.26 -27.18 -13.12
C VAL A 511 -4.89 -28.20 -12.16
N PRO A 512 -4.10 -29.19 -11.70
CA PRO A 512 -4.64 -30.24 -10.81
C PRO A 512 -5.41 -29.69 -9.62
N VAL A 513 -6.40 -30.44 -9.16
CA VAL A 513 -7.41 -29.94 -8.22
C VAL A 513 -6.83 -29.70 -6.83
N HIS A 514 -6.02 -30.63 -6.34
CA HIS A 514 -5.53 -30.59 -4.96
C HIS A 514 -4.22 -29.83 -4.78
N TRP A 515 -3.66 -29.31 -5.88
CA TRP A 515 -2.48 -28.45 -5.80
C TRP A 515 -2.84 -27.13 -5.12
N VAL A 516 -2.13 -26.80 -4.05
CA VAL A 516 -2.39 -25.61 -3.26
C VAL A 516 -1.80 -24.38 -3.97
N PRO A 517 -2.59 -23.31 -4.12
CA PRO A 517 -2.03 -22.02 -4.56
C PRO A 517 -0.98 -21.53 -3.55
N THR A 518 0.23 -21.26 -4.03
CA THR A 518 1.39 -21.09 -3.15
C THR A 518 1.80 -19.63 -2.96
N SER A 519 2.41 -19.04 -3.98
CA SER A 519 2.95 -17.69 -3.87
C SER A 519 1.81 -16.67 -3.97
N ARG A 520 1.98 -15.55 -3.26
CA ARG A 520 0.94 -14.52 -3.18
C ARG A 520 0.78 -13.76 -4.50
N THR A 521 -0.45 -13.40 -4.82
CA THR A 521 -0.79 -12.69 -6.05
C THR A 521 -0.51 -11.18 -5.96
N THR A 522 -0.51 -10.65 -4.74
CA THR A 522 -0.26 -9.22 -4.51
C THR A 522 0.28 -8.95 -3.10
N TRP A 523 1.00 -7.84 -2.96
CA TRP A 523 1.46 -7.37 -1.65
C TRP A 523 0.47 -6.37 -1.05
N SER A 524 -0.56 -6.01 -1.81
CA SER A 524 -1.53 -5.01 -1.37
C SER A 524 -2.04 -5.27 0.05
N ILE A 525 -2.09 -4.21 0.84
CA ILE A 525 -2.61 -4.29 2.21
C ILE A 525 -4.09 -4.67 2.27
N HIS A 526 -4.82 -4.47 1.17
CA HIS A 526 -6.25 -4.75 1.11
C HIS A 526 -6.58 -6.19 0.72
N ALA A 527 -5.57 -6.94 0.27
CA ALA A 527 -5.73 -8.35 -0.06
C ALA A 527 -5.75 -9.18 1.21
N HIS A 528 -6.84 -9.90 1.45
CA HIS A 528 -6.94 -10.82 2.59
C HIS A 528 -6.66 -12.28 2.19
N HIS A 529 -6.53 -12.53 0.89
CA HIS A 529 -6.02 -13.81 0.38
C HIS A 529 -6.95 -15.00 0.64
N GLN A 530 -8.24 -14.79 0.41
CA GLN A 530 -9.24 -15.86 0.56
C GLN A 530 -9.12 -16.88 -0.57
N TRP A 531 -8.40 -16.51 -1.62
CA TRP A 531 -8.18 -17.37 -2.79
C TRP A 531 -7.02 -18.35 -2.59
N MET A 532 -6.25 -18.18 -1.52
CA MET A 532 -5.16 -19.09 -1.20
C MET A 532 -5.72 -20.29 -0.44
N THR A 533 -6.36 -21.19 -1.19
CA THR A 533 -7.10 -22.32 -0.63
C THR A 533 -7.45 -23.32 -1.72
N THR A 534 -7.79 -24.54 -1.32
CA THR A 534 -8.31 -25.54 -2.24
C THR A 534 -9.80 -25.81 -1.97
N GLU A 535 -10.44 -24.91 -1.23
CA GLU A 535 -11.86 -25.00 -0.94
C GLU A 535 -12.66 -24.58 -2.17
N ASP A 536 -13.90 -25.06 -2.25
CA ASP A 536 -14.79 -24.72 -3.37
C ASP A 536 -14.99 -23.21 -3.45
N MET A 537 -14.62 -22.62 -4.59
CA MET A 537 -14.64 -21.16 -4.76
C MET A 537 -16.03 -20.56 -4.61
N LEU A 538 -17.07 -21.29 -5.02
CA LEU A 538 -18.45 -20.83 -4.83
C LEU A 538 -18.81 -20.78 -3.34
N THR A 539 -18.24 -21.71 -2.56
CA THR A 539 -18.40 -21.70 -1.10
C THR A 539 -17.67 -20.51 -0.48
N VAL A 540 -16.45 -20.25 -0.96
CA VAL A 540 -15.68 -19.10 -0.50
C VAL A 540 -16.40 -17.81 -0.91
N TRP A 541 -16.85 -17.78 -2.17
CA TRP A 541 -17.62 -16.65 -2.68
C TRP A 541 -18.79 -16.34 -1.76
N ASN A 542 -19.59 -17.36 -1.47
CA ASN A 542 -20.74 -17.23 -0.58
C ASN A 542 -20.36 -16.70 0.79
N ARG A 543 -19.22 -17.16 1.30
CA ARG A 543 -18.75 -16.71 2.60
C ARG A 543 -18.45 -15.22 2.59
N VAL A 544 -17.77 -14.76 1.54
CA VAL A 544 -17.33 -13.37 1.46
C VAL A 544 -18.50 -12.42 1.11
N TRP A 545 -19.27 -12.78 0.10
CA TRP A 545 -20.23 -11.85 -0.50
C TRP A 545 -21.61 -11.89 0.11
N ILE A 546 -22.01 -13.05 0.63
CA ILE A 546 -23.32 -13.21 1.27
C ILE A 546 -23.17 -13.34 2.77
N GLU A 547 -22.52 -14.42 3.20
CA GLU A 547 -22.48 -14.85 4.58
C GLU A 547 -21.93 -13.78 5.51
N GLU A 548 -20.68 -13.38 5.27
CA GLU A 548 -19.95 -12.48 6.18
C GLU A 548 -19.90 -11.05 5.68
N ASN A 549 -20.86 -10.68 4.83
CA ASN A 549 -20.94 -9.34 4.27
C ASN A 549 -21.93 -8.52 5.09
N PRO A 550 -21.43 -7.57 5.89
CA PRO A 550 -22.33 -6.74 6.71
C PRO A 550 -23.42 -6.02 5.90
N TRP A 551 -23.11 -5.66 4.65
CA TRP A 551 -24.03 -4.93 3.79
C TRP A 551 -25.05 -5.84 3.10
N MET A 552 -24.82 -7.15 3.13
CA MET A 552 -25.78 -8.10 2.60
C MET A 552 -26.74 -8.56 3.71
N GLU A 553 -27.97 -8.06 3.65
CA GLU A 553 -28.98 -8.34 4.68
C GLU A 553 -29.56 -9.75 4.55
N ASP A 554 -30.08 -10.06 3.36
CA ASP A 554 -30.61 -11.40 3.07
C ASP A 554 -29.44 -12.37 2.86
N LYS A 555 -29.38 -13.40 3.69
CA LYS A 555 -28.25 -14.34 3.69
C LYS A 555 -28.56 -15.64 2.94
N THR A 556 -29.41 -15.57 1.93
CA THR A 556 -29.74 -16.73 1.11
C THR A 556 -28.51 -17.19 0.34
N PRO A 557 -28.09 -18.46 0.51
CA PRO A 557 -26.93 -18.96 -0.24
C PRO A 557 -27.14 -18.99 -1.76
N VAL A 558 -26.11 -18.58 -2.48
CA VAL A 558 -26.10 -18.68 -3.94
C VAL A 558 -25.57 -20.06 -4.30
N THR A 559 -26.47 -20.93 -4.76
CA THR A 559 -26.16 -22.34 -4.96
C THR A 559 -25.37 -22.63 -6.24
N THR A 560 -25.40 -21.70 -7.20
CA THR A 560 -24.74 -21.92 -8.48
C THR A 560 -24.11 -20.64 -9.03
N TRP A 561 -23.01 -20.80 -9.77
CA TRP A 561 -22.34 -19.68 -10.43
C TRP A 561 -23.24 -18.96 -11.44
N GLU A 562 -24.27 -19.66 -11.93
CA GLU A 562 -25.26 -19.05 -12.83
C GLU A 562 -26.02 -17.90 -12.15
N ASN A 563 -26.08 -17.92 -10.83
CA ASN A 563 -26.75 -16.86 -10.06
C ASN A 563 -25.80 -15.73 -9.66
N VAL A 564 -24.49 -15.97 -9.76
CA VAL A 564 -23.47 -14.94 -9.54
C VAL A 564 -23.41 -14.02 -10.76
N PRO A 565 -23.62 -12.71 -10.58
CA PRO A 565 -23.80 -11.80 -11.72
C PRO A 565 -22.50 -11.25 -12.33
N TYR A 566 -22.62 -10.79 -13.58
CA TYR A 566 -21.57 -10.04 -14.26
C TYR A 566 -21.93 -8.57 -14.25
N LEU A 567 -20.98 -7.72 -14.68
CA LEU A 567 -21.30 -6.34 -15.03
C LEU A 567 -22.21 -6.36 -16.25
N GLY A 568 -22.78 -5.22 -16.58
CA GLY A 568 -23.45 -5.07 -17.87
C GLY A 568 -22.44 -5.26 -18.98
N LYS A 569 -22.90 -5.72 -20.14
CA LYS A 569 -22.01 -5.96 -21.27
C LYS A 569 -21.22 -4.69 -21.63
N ARG A 570 -21.91 -3.56 -21.71
CA ARG A 570 -21.28 -2.32 -22.14
C ARG A 570 -20.23 -1.83 -21.14
N GLU A 571 -20.51 -2.00 -19.84
CA GLU A 571 -19.54 -1.60 -18.81
C GLU A 571 -18.40 -2.60 -18.64
N ASP A 572 -18.64 -3.86 -18.98
CA ASP A 572 -17.56 -4.84 -19.05
C ASP A 572 -16.60 -4.38 -20.15
N GLN A 573 -17.17 -3.99 -21.30
CA GLN A 573 -16.40 -3.46 -22.42
C GLN A 573 -15.69 -2.15 -22.11
N TRP A 574 -16.37 -1.24 -21.41
CA TRP A 574 -15.75 0.04 -21.03
C TRP A 574 -14.56 -0.15 -20.11
N CYS A 575 -14.59 -1.23 -19.32
CA CYS A 575 -13.47 -1.54 -18.41
C CYS A 575 -12.45 -2.51 -19.02
N GLY A 576 -12.47 -2.66 -20.35
CA GLY A 576 -11.40 -3.37 -21.06
C GLY A 576 -11.69 -4.77 -21.58
N SER A 577 -12.94 -5.22 -21.51
CA SER A 577 -13.29 -6.56 -21.96
C SER A 577 -13.15 -6.69 -23.48
N LEU A 578 -12.81 -7.89 -23.92
CA LEU A 578 -12.73 -8.20 -25.35
C LEU A 578 -13.95 -8.98 -25.84
N ILE A 579 -14.97 -9.11 -24.99
CA ILE A 579 -16.23 -9.73 -25.41
C ILE A 579 -16.80 -8.96 -26.59
N GLY A 580 -17.22 -9.68 -27.62
CA GLY A 580 -17.71 -9.07 -28.85
C GLY A 580 -16.74 -9.19 -30.01
N LEU A 581 -15.44 -9.27 -29.71
CA LEU A 581 -14.42 -9.43 -30.73
C LEU A 581 -14.36 -10.88 -31.20
N THR A 582 -14.16 -11.08 -32.50
CA THR A 582 -13.97 -12.40 -33.08
C THR A 582 -12.86 -13.17 -32.36
N SER A 583 -11.67 -12.58 -32.27
CA SER A 583 -10.51 -13.22 -31.63
C SER A 583 -10.86 -13.79 -30.27
N ARG A 584 -11.67 -13.07 -29.51
CA ARG A 584 -12.13 -13.51 -28.21
C ARG A 584 -13.10 -14.69 -28.33
N ALA A 585 -14.01 -14.61 -29.30
CA ALA A 585 -14.92 -15.71 -29.59
C ALA A 585 -14.18 -16.96 -30.05
N THR A 586 -13.13 -16.76 -30.85
CA THR A 586 -12.26 -17.85 -31.28
C THR A 586 -11.58 -18.47 -30.06
N TRP A 587 -10.94 -17.61 -29.26
CA TRP A 587 -10.33 -18.01 -28.00
C TRP A 587 -11.29 -18.80 -27.11
N ALA A 588 -12.49 -18.26 -26.94
CA ALA A 588 -13.52 -18.89 -26.10
C ALA A 588 -13.94 -20.26 -26.65
N GLN A 589 -14.09 -20.34 -27.96
CA GLN A 589 -14.47 -21.58 -28.64
C GLN A 589 -13.36 -22.63 -28.59
N ASN A 590 -12.11 -22.19 -28.72
CA ASN A 590 -10.97 -23.10 -28.79
C ASN A 590 -10.26 -23.32 -27.44
N ILE A 591 -10.91 -22.95 -26.34
CA ILE A 591 -10.27 -22.99 -25.02
C ILE A 591 -10.04 -24.40 -24.45
N PRO A 592 -10.95 -25.36 -24.70
CA PRO A 592 -10.72 -26.70 -24.14
C PRO A 592 -9.49 -27.38 -24.74
N THR A 593 -9.20 -27.07 -26.00
CA THR A 593 -8.00 -27.56 -26.66
C THR A 593 -6.74 -27.10 -25.91
N ALA A 594 -6.69 -25.82 -25.58
CA ALA A 594 -5.55 -25.25 -24.85
C ALA A 594 -5.43 -25.82 -23.45
N ILE A 595 -6.56 -25.98 -22.76
CA ILE A 595 -6.57 -26.60 -21.43
C ILE A 595 -5.91 -27.97 -21.49
N GLN A 596 -6.28 -28.74 -22.50
CA GLN A 596 -5.79 -30.11 -22.64
C GLN A 596 -4.29 -30.16 -22.89
N GLN A 597 -3.78 -29.18 -23.63
CA GLN A 597 -2.35 -29.07 -23.89
C GLN A 597 -1.56 -28.81 -22.59
N VAL A 598 -2.10 -27.95 -21.73
CA VAL A 598 -1.47 -27.68 -20.44
C VAL A 598 -1.54 -28.92 -19.56
N ARG A 599 -2.70 -29.58 -19.55
CA ARG A 599 -2.87 -30.83 -18.81
C ARG A 599 -1.83 -31.87 -19.21
N SER A 600 -1.65 -32.05 -20.52
CA SER A 600 -0.73 -33.06 -21.05
C SER A 600 0.74 -32.78 -20.70
N LEU A 601 1.09 -31.50 -20.53
CA LEU A 601 2.45 -31.12 -20.16
C LEU A 601 2.69 -31.16 -18.66
N ILE A 602 1.67 -30.84 -17.87
CA ILE A 602 1.73 -31.02 -16.41
C ILE A 602 1.90 -32.51 -16.08
N GLY A 603 1.09 -33.35 -16.73
CA GLY A 603 1.26 -34.79 -16.64
C GLY A 603 -0.01 -35.56 -16.35
N ASN A 604 0.16 -36.75 -15.77
CA ASN A 604 -0.95 -37.67 -15.49
C ASN A 604 -1.41 -37.47 -14.06
N GLU A 605 -2.23 -36.43 -13.87
CA GLU A 605 -2.71 -36.01 -12.55
C GLU A 605 -4.23 -36.01 -12.53
N GLU A 606 -4.81 -35.64 -11.39
CA GLU A 606 -6.27 -35.53 -11.25
C GLU A 606 -6.72 -34.10 -11.56
N PHE A 607 -7.40 -33.93 -12.69
CA PHE A 607 -7.95 -32.64 -13.09
C PHE A 607 -9.47 -32.61 -12.92
N LEU A 608 -10.04 -31.41 -12.90
CA LEU A 608 -11.49 -31.22 -12.86
C LEU A 608 -11.88 -30.18 -13.90
N ASP A 609 -13.00 -30.39 -14.58
CA ASP A 609 -13.48 -29.43 -15.59
C ASP A 609 -14.40 -28.38 -14.94
N TYR A 610 -14.26 -27.13 -15.37
CA TYR A 610 -15.08 -26.03 -14.86
C TYR A 610 -15.76 -25.26 -16.00
N MET A 611 -16.02 -25.93 -17.12
CA MET A 611 -16.59 -25.29 -18.30
C MET A 611 -18.01 -25.79 -18.52
ZN ZN B . -15.00 -1.47 -13.87
ZN ZN C . 19.55 1.14 15.39
O3 6CJ D . 5.09 -2.95 6.74
C4 6CJ D . 9.18 -4.53 2.59
C5 6CJ D . 8.26 -4.85 4.88
O4 6CJ D . 6.81 -1.93 2.14
C6 6CJ D . 7.85 -5.22 6.16
N1 6CJ D . 8.18 -3.61 2.90
C7 6CJ D . 6.79 -4.56 6.75
C8 6CJ D . 6.18 -3.51 6.10
C9 6CJ D . 4.08 -2.26 5.94
O5 6CJ D . 4.71 -5.67 2.75
C10 6CJ D . 2.75 -2.74 6.47
C11 6CJ D . 2.56 -2.36 7.94
C12 6CJ D . 2.75 -0.87 8.15
C13 6CJ D . 4.08 -0.40 7.61
C14 6CJ D . 4.24 -0.76 6.13
C15 6CJ D . 6.61 -3.10 4.84
C17 6CJ D . 7.77 -2.66 1.94
C16 6CJ D . 7.65 -3.78 4.21
S 6CJ D . 9.51 -5.59 3.92
C18 6CJ D . 8.54 -2.62 0.69
C20 6CJ D . 8.32 -1.52 -0.28
C25 6CJ D . 9.26 -0.50 -0.41
C24 6CJ D . 9.04 0.55 -1.30
C23 6CJ D . 7.90 0.59 -2.07
C22 6CJ D . 6.96 -0.42 -1.94
C21 6CJ D . 7.16 -1.47 -1.06
C19 6CJ D . 9.44 -3.58 0.44
C3 6CJ D . 9.80 -4.59 1.38
C2 6CJ D . 10.78 -5.65 0.99
O2 6CJ D . 11.78 -5.88 1.69
N 6CJ D . 10.51 -6.30 -0.15
C1 6CJ D . 10.18 -7.71 -0.22
C 6CJ D . 9.40 -8.06 -1.50
O1 6CJ D . 9.09 -7.21 -2.32
O 6CJ D . 9.13 -9.32 -1.61
C26 6CJ D . 9.46 -8.24 1.03
C27 6CJ D . 8.17 -7.59 1.45
C32 6CJ D . 7.61 -7.86 2.70
C31 6CJ D . 6.47 -7.22 3.14
C30 6CJ D . 5.84 -6.31 2.31
C29 6CJ D . 6.36 -6.04 1.06
C28 6CJ D . 7.51 -6.66 0.64
#